data_5FTQ
#
_entry.id   5FTQ
#
_cell.length_a   52.254
_cell.length_b   58.312
_cell.length_c   104.882
_cell.angle_alpha   90.00
_cell.angle_beta   90.00
_cell.angle_gamma   90.00
#
_symmetry.space_group_name_H-M   'P 21 21 21'
#
loop_
_entity.id
_entity.type
_entity.pdbx_description
1 polymer 'ALK TYROSINE KINASE RECEPTOR'
2 non-polymer 'N-[5-(3,5-DIFLUOROBENZYL)-1H-INDAZOL-3-YL]-2-[(4-HYDROXYCYCLOHEXYL)AMINO]-4-(4-METHYLPIPERAZIN-1-YL) BENZAMIDE'
3 non-polymer GLYCEROL
4 water water
#
_entity_poly.entity_id   1
_entity_poly.type   'polypeptide(L)'
_entity_poly.pdbx_seq_one_letter_code
;GPNYCFAGKTSSISDLKEVPRKNITLIRGLGHGAFGEVYEGQVSGMPNDPSPLQVAVKTLPEVCSEQDELDFLMEALIIS
KFNHQNIVRCIGVSLQSLPRFILLELMAGGDLKSFLRETRPRPSQPSSLAMLDLLHVARDIACGCQYLEENHFIHRDIAA
RNCLLTCPGPGRVAKIGDFGMARDIYRASYYRKGGCAMLPVKWMPPEAFMEGIFTSKTDTWSFGVLLWEIFSLGYMPYPS
KSNQEVLEFVTSGGRMDPPKNCPGPVYRIMTQCWQHQPEDRPNFAIILERIEYCTQDPDVINTALPIEYGPLVEE
;
_entity_poly.pdbx_strand_id   A
#
# COMPACT_ATOMS: atom_id res chain seq x y z
N GLY A 1 16.14 -14.80 19.22
CA GLY A 1 14.83 -14.12 19.53
C GLY A 1 14.91 -12.61 19.38
N PRO A 2 14.60 -12.11 18.16
CA PRO A 2 14.68 -10.69 17.81
C PRO A 2 13.73 -9.82 18.61
N ASN A 3 14.14 -8.57 18.86
CA ASN A 3 13.19 -7.57 19.33
C ASN A 3 12.81 -6.67 18.15
N TYR A 4 11.72 -5.93 18.31
CA TYR A 4 11.32 -4.98 17.26
C TYR A 4 10.94 -3.72 17.98
N CYS A 5 11.41 -2.60 17.44
CA CYS A 5 11.14 -1.32 18.06
CA CYS A 5 11.05 -1.34 18.07
C CYS A 5 10.30 -0.41 17.12
N PHE A 6 9.26 0.20 17.66
CA PHE A 6 8.34 1.14 16.96
C PHE A 6 7.80 2.17 17.91
N ALA A 7 7.87 3.45 17.50
CA ALA A 7 7.33 4.51 18.32
C ALA A 7 7.92 4.44 19.77
N GLY A 8 9.22 4.12 19.84
CA GLY A 8 9.95 4.16 21.12
C GLY A 8 9.73 2.96 22.04
N LYS A 9 8.96 1.99 21.53
CA LYS A 9 8.45 0.87 22.35
C LYS A 9 9.05 -0.43 21.81
N THR A 10 9.45 -1.33 22.70
CA THR A 10 10.14 -2.52 22.20
C THR A 10 9.21 -3.74 22.38
N SER A 11 9.20 -4.64 21.44
CA SER A 11 8.39 -5.80 21.66
C SER A 11 9.07 -7.06 21.09
N SER A 12 8.55 -8.22 21.47
CA SER A 12 9.20 -9.41 21.02
C SER A 12 8.09 -10.49 20.83
N ILE A 13 8.53 -11.69 20.46
CA ILE A 13 7.58 -12.78 20.18
C ILE A 13 6.55 -12.95 21.26
N SER A 14 6.99 -12.87 22.54
CA SER A 14 6.05 -13.05 23.62
C SER A 14 4.96 -12.04 23.72
N ASP A 15 5.09 -10.90 23.03
CA ASP A 15 4.09 -9.86 23.03
C ASP A 15 2.96 -10.08 21.95
N LEU A 16 3.23 -10.97 20.98
CA LEU A 16 2.18 -11.31 19.96
C LEU A 16 0.99 -12.02 20.59
N LYS A 17 -0.23 -11.85 20.07
CA LYS A 17 -1.45 -12.52 20.62
C LYS A 17 -1.57 -13.93 20.00
N GLU A 18 -1.10 -14.94 20.72
CA GLU A 18 -1.11 -16.28 20.16
C GLU A 18 -2.49 -16.87 20.32
N VAL A 19 -3.15 -17.16 19.22
CA VAL A 19 -4.48 -17.68 19.19
C VAL A 19 -4.41 -19.19 19.13
N PRO A 20 -5.14 -19.90 20.02
CA PRO A 20 -4.99 -21.38 20.01
C PRO A 20 -5.35 -21.92 18.60
N ARG A 21 -4.56 -22.86 18.09
CA ARG A 21 -4.77 -23.41 16.75
C ARG A 21 -6.21 -23.91 16.57
N LYS A 22 -6.67 -24.70 17.54
CA LYS A 22 -7.98 -25.25 17.49
C LYS A 22 -9.06 -24.22 17.21
N ASN A 23 -8.78 -22.93 17.47
CA ASN A 23 -9.73 -21.83 17.27
C ASN A 23 -9.71 -21.28 15.82
N ILE A 24 -8.83 -21.84 14.97
CA ILE A 24 -8.59 -21.29 13.65
C ILE A 24 -9.00 -22.29 12.57
N THR A 25 -9.88 -21.86 11.68
CA THR A 25 -10.24 -22.74 10.56
C THR A 25 -10.03 -22.00 9.25
N LEU A 26 -9.39 -22.65 8.31
CA LEU A 26 -9.22 -22.08 6.92
C LEU A 26 -10.46 -22.37 6.12
N ILE A 27 -10.94 -21.38 5.37
CA ILE A 27 -12.17 -21.46 4.65
C ILE A 27 -11.90 -21.67 3.18
N ARG A 28 -11.05 -20.82 2.59
CA ARG A 28 -10.58 -20.98 1.17
C ARG A 28 -9.28 -20.23 0.91
N GLY A 29 -8.57 -20.65 -0.17
CA GLY A 29 -7.38 -20.00 -0.68
C GLY A 29 -7.84 -18.67 -1.32
N LEU A 30 -6.97 -17.66 -1.17
CA LEU A 30 -7.16 -16.37 -1.87
C LEU A 30 -6.04 -16.12 -2.86
N GLY A 31 -4.79 -16.44 -2.52
CA GLY A 31 -3.78 -16.39 -3.52
C GLY A 31 -2.38 -16.28 -2.98
N HIS A 32 -1.42 -16.15 -3.89
CA HIS A 32 -0.02 -16.06 -3.50
C HIS A 32 0.67 -15.02 -4.38
N GLY A 33 1.79 -14.53 -3.89
CA GLY A 33 2.50 -13.50 -4.64
C GLY A 33 3.64 -13.01 -3.81
N ALA A 34 4.11 -11.82 -4.15
CA ALA A 34 5.22 -11.23 -3.43
C ALA A 34 4.92 -11.08 -1.95
N PHE A 35 3.65 -10.94 -1.60
CA PHE A 35 3.25 -10.75 -0.23
C PHE A 35 3.32 -12.08 0.56
N GLY A 36 3.52 -13.21 -0.11
CA GLY A 36 3.54 -14.49 0.62
C GLY A 36 2.36 -15.31 0.14
N GLU A 37 1.56 -15.84 1.07
CA GLU A 37 0.46 -16.70 0.66
C GLU A 37 -0.69 -16.47 1.62
N VAL A 38 -1.92 -16.27 1.11
CA VAL A 38 -2.99 -15.90 2.02
C VAL A 38 -4.33 -16.68 1.77
N TYR A 39 -5.10 -16.95 2.86
CA TYR A 39 -6.44 -17.67 2.87
C TYR A 39 -7.48 -16.86 3.56
N GLU A 40 -8.77 -17.10 3.29
CA GLU A 40 -9.77 -16.68 4.16
C GLU A 40 -9.87 -17.70 5.25
N GLY A 41 -10.11 -17.21 6.48
CA GLY A 41 -10.23 -18.05 7.65
C GLY A 41 -11.27 -17.53 8.61
N GLN A 42 -11.43 -18.25 9.70
CA GLN A 42 -12.36 -17.92 10.78
C GLN A 42 -11.69 -18.18 12.12
N VAL A 43 -12.01 -17.34 13.09
CA VAL A 43 -11.46 -17.48 14.41
C VAL A 43 -12.61 -17.62 15.39
N SER A 44 -12.66 -18.78 16.02
CA SER A 44 -12.99 -19.00 17.45
C SER A 44 -13.81 -20.23 17.63
N PRO A 52 -18.44 -15.88 14.85
CA PRO A 52 -17.00 -16.18 14.67
C PRO A 52 -16.37 -15.11 13.78
N LEU A 53 -15.11 -14.79 14.02
CA LEU A 53 -14.50 -13.64 13.38
C LEU A 53 -13.95 -14.08 12.00
N GLN A 54 -14.36 -13.41 10.92
CA GLN A 54 -13.77 -13.74 9.60
C GLN A 54 -12.41 -13.04 9.48
N VAL A 55 -11.37 -13.76 9.01
CA VAL A 55 -10.01 -13.13 8.95
C VAL A 55 -9.38 -13.50 7.66
N ALA A 56 -8.26 -12.87 7.36
CA ALA A 56 -7.30 -13.41 6.40
C ALA A 56 -6.22 -14.12 7.21
N VAL A 57 -5.65 -15.14 6.60
CA VAL A 57 -4.59 -15.93 7.27
C VAL A 57 -3.43 -15.98 6.30
N LYS A 58 -2.28 -15.35 6.68
CA LYS A 58 -1.05 -15.53 5.99
C LYS A 58 -0.31 -16.74 6.51
N THR A 59 0.33 -17.52 5.62
CA THR A 59 1.00 -18.77 6.08
C THR A 59 2.48 -18.74 5.74
N LEU A 60 3.24 -19.47 6.55
CA LEU A 60 4.68 -19.61 6.35
C LEU A 60 4.86 -21.07 5.91
N PRO A 61 5.58 -21.31 4.79
CA PRO A 61 5.82 -22.70 4.35
C PRO A 61 6.55 -23.48 5.43
N GLU A 62 6.16 -24.73 5.64
CA GLU A 62 6.95 -25.58 6.53
C GLU A 62 8.37 -25.85 6.05
N VAL A 63 8.52 -25.94 4.75
CA VAL A 63 9.81 -26.03 4.14
C VAL A 63 10.35 -24.65 3.91
N CYS A 64 11.20 -24.23 4.82
CA CYS A 64 11.69 -22.84 4.80
C CYS A 64 12.97 -22.66 5.58
N SER A 65 13.72 -21.61 5.20
CA SER A 65 14.97 -21.31 5.86
C SER A 65 14.77 -20.63 7.18
N GLU A 66 15.86 -20.66 7.94
CA GLU A 66 15.96 -19.89 9.14
C GLU A 66 15.65 -18.40 8.90
N GLN A 67 16.18 -17.80 7.83
CA GLN A 67 15.85 -16.40 7.62
C GLN A 67 14.36 -16.22 7.33
N ASP A 68 13.80 -17.14 6.55
CA ASP A 68 12.32 -17.15 6.32
C ASP A 68 11.52 -17.09 7.65
N GLU A 69 11.90 -17.91 8.63
CA GLU A 69 11.26 -17.91 9.96
C GLU A 69 11.38 -16.54 10.60
N LEU A 70 12.60 -15.93 10.51
CA LEU A 70 12.87 -14.69 11.22
C LEU A 70 12.05 -13.62 10.49
N ASP A 71 12.00 -13.71 9.15
CA ASP A 71 11.18 -12.77 8.32
C ASP A 71 9.71 -12.78 8.75
N PHE A 72 9.19 -13.97 8.97
CA PHE A 72 7.75 -14.12 9.29
C PHE A 72 7.45 -13.54 10.66
N LEU A 73 8.34 -13.86 11.62
CA LEU A 73 8.26 -13.26 12.92
C LEU A 73 8.27 -11.72 12.84
N MET A 74 9.24 -11.17 12.10
CA MET A 74 9.36 -9.73 12.03
C MET A 74 8.11 -9.10 11.34
N GLU A 75 7.52 -9.82 10.42
CA GLU A 75 6.27 -9.34 9.77
C GLU A 75 5.17 -9.21 10.81
N ALA A 76 5.03 -10.24 11.64
CA ALA A 76 4.01 -10.25 12.67
C ALA A 76 4.25 -9.09 13.67
N LEU A 77 5.50 -8.94 14.09
CA LEU A 77 5.81 -7.83 15.01
C LEU A 77 5.46 -6.43 14.47
N ILE A 78 5.83 -6.18 13.21
CA ILE A 78 5.62 -4.90 12.55
C ILE A 78 4.11 -4.65 12.48
N ILE A 79 3.35 -5.63 11.97
CA ILE A 79 1.93 -5.35 11.76
C ILE A 79 1.13 -5.25 13.08
N SER A 80 1.57 -6.07 14.06
CA SER A 80 0.93 -6.03 15.38
C SER A 80 1.10 -4.73 16.10
N LYS A 81 2.17 -3.95 15.81
CA LYS A 81 2.41 -2.74 16.56
C LYS A 81 1.78 -1.50 15.92
N PHE A 82 1.30 -1.59 14.66
CA PHE A 82 0.61 -0.44 14.14
C PHE A 82 -0.82 -0.33 14.66
N ASN A 83 -1.28 0.90 14.79
CA ASN A 83 -2.63 1.11 15.29
C ASN A 83 -3.33 2.26 14.55
N HIS A 84 -3.92 1.91 13.38
CA HIS A 84 -4.52 2.92 12.56
C HIS A 84 -5.57 2.31 11.60
N GLN A 85 -6.63 3.08 11.38
CA GLN A 85 -7.83 2.55 10.63
C GLN A 85 -7.50 2.35 9.15
N ASN A 86 -6.41 2.94 8.65
CA ASN A 86 -6.00 2.66 7.24
C ASN A 86 -4.76 1.73 7.04
N ILE A 87 -4.44 0.94 8.08
CA ILE A 87 -3.46 -0.14 8.00
C ILE A 87 -4.13 -1.40 8.53
N VAL A 88 -4.09 -2.47 7.72
CA VAL A 88 -4.79 -3.67 8.09
C VAL A 88 -4.43 -4.10 9.54
N ARG A 89 -5.43 -4.47 10.34
CA ARG A 89 -5.18 -4.93 11.76
C ARG A 89 -4.66 -6.32 11.80
N CYS A 90 -3.87 -6.61 12.84
CA CYS A 90 -3.50 -8.01 13.11
C CYS A 90 -4.38 -8.53 14.26
N ILE A 91 -5.22 -9.53 14.00
CA ILE A 91 -6.05 -10.15 15.03
C ILE A 91 -5.13 -10.96 15.98
N GLY A 92 -4.08 -11.58 15.45
CA GLY A 92 -3.18 -12.38 16.31
C GLY A 92 -2.33 -13.27 15.46
N VAL A 93 -1.67 -14.28 16.07
CA VAL A 93 -0.79 -15.13 15.31
C VAL A 93 -1.02 -16.56 15.82
N SER A 94 -0.54 -17.51 15.02
CA SER A 94 -0.44 -18.91 15.47
C SER A 94 0.88 -19.37 15.05
N LEU A 95 1.87 -19.09 15.90
CA LEU A 95 3.25 -19.44 15.59
C LEU A 95 3.72 -20.73 16.27
N GLN A 96 2.90 -21.23 17.18
CA GLN A 96 3.30 -22.45 17.89
C GLN A 96 2.72 -23.72 17.28
N SER A 97 2.11 -23.62 16.12
CA SER A 97 1.68 -24.81 15.42
C SER A 97 2.15 -24.59 13.98
N LEU A 98 2.22 -25.67 13.22
CA LEU A 98 2.74 -25.64 11.84
C LEU A 98 1.69 -26.07 10.86
N PRO A 99 1.62 -25.40 9.70
CA PRO A 99 2.44 -24.28 9.27
C PRO A 99 2.07 -23.08 10.13
N ARG A 100 3.00 -22.12 10.31
CA ARG A 100 2.66 -20.94 11.14
C ARG A 100 1.73 -19.93 10.42
N PHE A 101 0.88 -19.26 11.20
CA PHE A 101 -0.12 -18.34 10.69
C PHE A 101 0.04 -16.93 11.27
N ILE A 102 -0.29 -15.92 10.48
CA ILE A 102 -0.54 -14.57 10.99
C ILE A 102 -1.95 -14.24 10.58
N LEU A 103 -2.77 -13.81 11.57
CA LEU A 103 -4.18 -13.55 11.34
C LEU A 103 -4.34 -12.07 11.19
N LEU A 104 -4.94 -11.66 10.04
CA LEU A 104 -5.11 -10.26 9.68
C LEU A 104 -6.57 -9.94 9.40
N GLU A 105 -6.89 -8.66 9.48
CA GLU A 105 -8.19 -8.13 9.13
C GLU A 105 -8.53 -8.59 7.70
N LEU A 106 -9.74 -9.19 7.54
CA LEU A 106 -10.15 -9.63 6.16
C LEU A 106 -10.58 -8.42 5.30
N MET A 107 -9.99 -8.29 4.11
CA MET A 107 -10.20 -7.20 3.22
C MET A 107 -10.79 -7.84 1.93
N ALA A 108 -12.09 -7.80 1.89
CA ALA A 108 -12.86 -8.63 0.89
C ALA A 108 -12.83 -8.01 -0.46
N GLY A 109 -12.47 -6.73 -0.55
CA GLY A 109 -12.24 -6.16 -1.90
C GLY A 109 -10.97 -6.49 -2.59
N GLY A 110 -10.05 -7.17 -1.89
CA GLY A 110 -8.80 -7.58 -2.51
C GLY A 110 -7.84 -6.40 -2.73
N ASP A 111 -6.86 -6.60 -3.59
CA ASP A 111 -5.82 -5.57 -3.76
C ASP A 111 -6.31 -4.39 -4.67
N LEU A 112 -5.73 -3.22 -4.47
CA LEU A 112 -6.28 -2.03 -5.14
C LEU A 112 -5.98 -2.05 -6.63
N LYS A 113 -4.78 -2.56 -6.99
CA LYS A 113 -4.44 -2.55 -8.42
C LYS A 113 -5.40 -3.38 -9.25
N SER A 114 -5.66 -4.60 -8.82
CA SER A 114 -6.68 -5.41 -9.53
C SER A 114 -8.05 -4.80 -9.54
N PHE A 115 -8.49 -4.24 -8.41
CA PHE A 115 -9.83 -3.61 -8.32
C PHE A 115 -9.98 -2.48 -9.38
N LEU A 116 -8.94 -1.68 -9.49
CA LEU A 116 -8.93 -0.54 -10.46
C LEU A 116 -9.07 -1.10 -11.88
N ARG A 117 -8.24 -2.11 -12.22
CA ARG A 117 -8.29 -2.70 -13.59
C ARG A 117 -9.64 -3.33 -13.85
N GLU A 118 -10.21 -4.00 -12.85
CA GLU A 118 -11.46 -4.72 -13.07
C GLU A 118 -12.69 -3.84 -13.04
N THR A 119 -12.59 -2.63 -12.47
CA THR A 119 -13.78 -1.79 -12.20
C THR A 119 -13.72 -0.52 -13.14
N ARG A 120 -12.89 -0.55 -14.15
CA ARG A 120 -12.84 0.53 -15.12
C ARG A 120 -14.22 0.68 -15.77
N PRO A 121 -14.74 1.90 -15.88
CA PRO A 121 -15.99 2.15 -16.67
C PRO A 121 -15.91 1.55 -18.07
N ARG A 122 -17.00 0.90 -18.50
CA ARG A 122 -17.12 0.22 -19.80
C ARG A 122 -18.56 0.45 -20.25
N PRO A 123 -18.87 0.27 -21.54
CA PRO A 123 -20.30 0.41 -21.92
C PRO A 123 -21.32 -0.46 -21.13
N SER A 124 -20.88 -1.64 -20.67
CA SER A 124 -21.72 -2.53 -19.84
C SER A 124 -21.89 -2.04 -18.40
N GLN A 125 -20.88 -1.32 -17.88
CA GLN A 125 -20.91 -0.71 -16.52
C GLN A 125 -20.38 0.74 -16.55
N PRO A 126 -21.08 1.67 -17.25
CA PRO A 126 -20.49 3.00 -17.57
C PRO A 126 -20.15 3.98 -16.38
N SER A 127 -20.69 3.72 -15.18
CA SER A 127 -20.55 4.58 -14.00
C SER A 127 -20.06 3.68 -12.89
N SER A 128 -19.13 2.80 -13.21
CA SER A 128 -18.72 1.84 -12.17
C SER A 128 -17.86 2.51 -11.10
N LEU A 129 -17.14 3.55 -11.53
CA LEU A 129 -16.35 4.40 -10.65
C LEU A 129 -16.56 5.87 -11.05
N ALA A 130 -16.36 6.79 -10.10
CA ALA A 130 -16.39 8.21 -10.36
C ALA A 130 -15.12 8.77 -9.74
N MET A 131 -14.79 9.98 -10.12
CA MET A 131 -13.63 10.69 -9.47
C MET A 131 -13.69 10.61 -7.95
N LEU A 132 -14.85 10.82 -7.33
CA LEU A 132 -14.91 10.83 -5.90
C LEU A 132 -14.46 9.47 -5.31
N ASP A 133 -14.73 8.36 -5.99
CA ASP A 133 -14.32 7.06 -5.45
C ASP A 133 -12.80 7.05 -5.38
N LEU A 134 -12.16 7.58 -6.43
CA LEU A 134 -10.67 7.59 -6.53
C LEU A 134 -10.08 8.52 -5.52
N LEU A 135 -10.72 9.67 -5.27
CA LEU A 135 -10.18 10.61 -4.29
C LEU A 135 -10.33 10.06 -2.88
N HIS A 136 -11.37 9.28 -2.63
CA HIS A 136 -11.53 8.68 -1.32
C HIS A 136 -10.48 7.60 -1.10
N VAL A 137 -10.19 6.79 -2.10
CA VAL A 137 -9.04 5.81 -1.97
C VAL A 137 -7.74 6.57 -1.73
N ALA A 138 -7.47 7.62 -2.49
CA ALA A 138 -6.25 8.38 -2.29
C ALA A 138 -6.17 8.94 -0.84
N ARG A 139 -7.27 9.51 -0.32
CA ARG A 139 -7.31 10.04 1.01
C ARG A 139 -7.07 8.97 2.07
N ASP A 140 -7.67 7.81 1.85
CA ASP A 140 -7.51 6.68 2.77
C ASP A 140 -6.04 6.29 2.92
N ILE A 141 -5.37 6.11 1.77
CA ILE A 141 -3.98 5.72 1.84
C ILE A 141 -3.06 6.87 2.35
N ALA A 142 -3.38 8.10 1.92
CA ALA A 142 -2.63 9.27 2.50
C ALA A 142 -2.73 9.33 4.06
N CYS A 143 -3.91 9.01 4.62
CA CYS A 143 -4.10 9.03 6.05
CA CYS A 143 -4.09 8.97 6.09
C CYS A 143 -3.21 7.92 6.71
N GLY A 144 -3.14 6.72 6.09
CA GLY A 144 -2.26 5.64 6.59
C GLY A 144 -0.79 6.15 6.51
N CYS A 145 -0.43 6.76 5.38
CA CYS A 145 0.93 7.23 5.24
C CYS A 145 1.27 8.33 6.24
N GLN A 146 0.30 9.17 6.59
CA GLN A 146 0.54 10.31 7.50
C GLN A 146 0.82 9.70 8.88
N TYR A 147 0.14 8.61 9.19
CA TYR A 147 0.37 7.89 10.45
C TYR A 147 1.79 7.33 10.43
N LEU A 148 2.18 6.69 9.34
CA LEU A 148 3.54 6.16 9.30
C LEU A 148 4.57 7.30 9.45
N GLU A 149 4.35 8.37 8.70
CA GLU A 149 5.30 9.52 8.76
C GLU A 149 5.40 10.05 10.17
N GLU A 150 4.29 10.25 10.83
CA GLU A 150 4.32 10.84 12.16
C GLU A 150 5.01 9.90 13.17
N ASN A 151 5.09 8.60 12.90
CA ASN A 151 5.75 7.61 13.74
C ASN A 151 7.09 7.21 13.20
N HIS A 152 7.63 8.03 12.28
CA HIS A 152 8.97 7.84 11.73
C HIS A 152 9.22 6.52 11.11
N PHE A 153 8.21 5.97 10.45
CA PHE A 153 8.30 4.65 9.82
C PHE A 153 8.25 4.91 8.31
N ILE A 154 9.30 4.52 7.58
CA ILE A 154 9.35 4.71 6.17
C ILE A 154 8.86 3.41 5.48
N HIS A 155 7.81 3.54 4.68
CA HIS A 155 7.24 2.30 4.09
C HIS A 155 8.14 1.65 3.02
N ARG A 156 8.64 2.45 2.10
CA ARG A 156 9.59 1.95 1.10
C ARG A 156 8.96 1.18 -0.07
N ASP A 157 7.63 1.07 -0.13
CA ASP A 157 7.03 0.54 -1.34
C ASP A 157 5.56 0.89 -1.40
N ILE A 158 5.29 2.19 -1.31
CA ILE A 158 3.92 2.60 -1.45
C ILE A 158 3.49 2.47 -2.93
N ALA A 159 2.50 1.64 -3.18
CA ALA A 159 2.10 1.27 -4.59
C ALA A 159 0.76 0.63 -4.53
N ALA A 160 -0.01 0.63 -5.63
CA ALA A 160 -1.35 0.06 -5.53
C ALA A 160 -1.38 -1.40 -5.19
N ARG A 161 -0.35 -2.12 -5.58
CA ARG A 161 -0.24 -3.55 -5.31
C ARG A 161 -0.15 -3.87 -3.83
N ASN A 162 0.24 -2.89 -3.03
CA ASN A 162 0.37 -3.10 -1.58
C ASN A 162 -0.77 -2.50 -0.78
N CYS A 163 -1.88 -2.21 -1.46
CA CYS A 163 -3.04 -1.63 -0.75
C CYS A 163 -4.23 -2.60 -0.96
N LEU A 164 -5.02 -2.68 0.06
CA LEU A 164 -6.19 -3.54 0.05
C LEU A 164 -7.48 -2.71 0.22
N LEU A 165 -8.64 -3.33 -0.15
CA LEU A 165 -9.92 -2.68 0.09
C LEU A 165 -10.85 -3.56 0.92
N THR A 166 -11.63 -2.88 1.78
CA THR A 166 -12.57 -3.60 2.68
C THR A 166 -13.66 -4.33 1.94
N CYS A 167 -14.00 -3.87 0.75
CA CYS A 167 -15.22 -4.40 0.01
C CYS A 167 -15.15 -3.73 -1.34
N PRO A 168 -15.83 -4.30 -2.39
CA PRO A 168 -15.83 -3.71 -3.74
C PRO A 168 -16.73 -2.50 -3.94
N GLY A 169 -17.83 -2.51 -3.19
CA GLY A 169 -18.88 -1.55 -3.36
C GLY A 169 -18.75 -0.25 -2.65
N PRO A 170 -19.83 0.53 -2.65
CA PRO A 170 -19.84 1.81 -1.99
C PRO A 170 -19.45 1.67 -0.53
N GLY A 171 -18.64 2.59 -0.07
CA GLY A 171 -18.26 2.52 1.35
C GLY A 171 -16.94 1.79 1.53
N ARG A 172 -16.29 1.39 0.44
CA ARG A 172 -15.01 0.70 0.56
C ARG A 172 -13.95 1.61 1.17
N VAL A 173 -13.11 1.04 2.04
CA VAL A 173 -12.02 1.83 2.69
C VAL A 173 -10.75 1.17 2.22
N ALA A 174 -9.80 1.97 1.73
CA ALA A 174 -8.47 1.42 1.34
C ALA A 174 -7.51 1.45 2.54
N LYS A 175 -6.62 0.45 2.60
CA LYS A 175 -5.67 0.36 3.70
C LYS A 175 -4.39 -0.17 3.16
N ILE A 176 -3.28 0.22 3.84
CA ILE A 176 -1.95 -0.36 3.44
C ILE A 176 -1.93 -1.78 3.94
N GLY A 177 -1.59 -2.78 3.07
CA GLY A 177 -1.81 -4.23 3.43
C GLY A 177 -0.52 -5.02 3.47
N ASP A 178 0.61 -4.42 3.03
CA ASP A 178 1.89 -5.17 2.91
C ASP A 178 3.01 -4.30 3.41
N PHE A 179 3.90 -4.89 4.23
CA PHE A 179 5.13 -4.20 4.77
C PHE A 179 6.40 -4.98 4.51
N GLY A 180 6.38 -5.77 3.45
CA GLY A 180 7.54 -6.68 3.12
C GLY A 180 8.82 -5.90 2.95
N MET A 181 8.83 -4.85 2.14
CA MET A 181 10.08 -4.12 1.95
C MET A 181 10.64 -3.49 3.21
N ALA A 182 9.75 -2.90 3.99
CA ALA A 182 10.18 -2.34 5.25
C ALA A 182 10.76 -3.40 6.19
N ARG A 183 10.13 -4.57 6.19
CA ARG A 183 10.62 -5.72 6.97
C ARG A 183 11.99 -6.09 6.48
N ASP A 184 12.18 -6.13 5.16
CA ASP A 184 13.47 -6.56 4.67
C ASP A 184 14.59 -5.58 5.09
N ILE A 185 14.30 -4.28 5.13
CA ILE A 185 15.35 -3.32 5.47
C ILE A 185 15.55 -3.24 6.97
N TYR A 186 14.46 -3.36 7.76
CA TYR A 186 14.56 -3.50 9.24
C TYR A 186 15.55 -4.61 9.55
N ARG A 187 15.43 -5.72 8.78
CA ARG A 187 16.55 -6.58 8.30
C ARG A 187 16.71 -7.66 9.28
N CYS A 196 19.02 -3.82 -7.58
CA CYS A 196 18.66 -5.16 -8.07
C CYS A 196 17.32 -5.23 -8.81
N ALA A 197 17.14 -6.30 -9.59
CA ALA A 197 15.98 -6.48 -10.46
C ALA A 197 14.62 -6.42 -9.75
N MET A 198 14.58 -6.58 -8.43
CA MET A 198 13.27 -6.63 -7.76
C MET A 198 12.84 -5.28 -7.17
N LEU A 199 13.75 -4.31 -7.26
CA LEU A 199 13.58 -3.02 -6.58
C LEU A 199 12.40 -2.32 -7.28
N PRO A 200 11.51 -1.63 -6.50
CA PRO A 200 10.36 -0.96 -7.13
C PRO A 200 10.78 0.36 -7.79
N VAL A 201 11.64 0.27 -8.80
CA VAL A 201 12.28 1.46 -9.40
C VAL A 201 11.24 2.53 -9.87
N LYS A 202 10.11 2.07 -10.39
CA LYS A 202 9.14 3.00 -11.02
C LYS A 202 8.48 3.76 -9.89
N TRP A 203 8.69 3.40 -8.63
CA TRP A 203 8.05 4.12 -7.50
C TRP A 203 8.97 4.94 -6.70
N MET A 204 10.24 4.97 -7.14
CA MET A 204 11.32 5.53 -6.28
C MET A 204 11.85 6.91 -6.83
N PRO A 205 12.17 7.80 -5.92
CA PRO A 205 12.68 9.11 -6.33
C PRO A 205 14.14 9.07 -6.74
N PRO A 206 14.62 10.13 -7.40
CA PRO A 206 15.99 10.12 -7.92
C PRO A 206 17.00 9.82 -6.81
N GLU A 207 16.80 10.39 -5.62
CA GLU A 207 17.84 10.26 -4.60
C GLU A 207 17.98 8.89 -4.05
N ALA A 208 16.94 8.09 -4.19
CA ALA A 208 16.97 6.67 -3.77
C ALA A 208 17.96 5.81 -4.61
N PHE A 209 18.46 6.34 -5.75
CA PHE A 209 19.49 5.68 -6.60
C PHE A 209 20.93 6.22 -6.37
N GLU A 211 22.43 8.76 -3.18
CA GLU A 211 22.97 8.22 -1.91
C GLU A 211 22.25 7.00 -1.32
N GLY A 212 21.12 6.62 -1.90
CA GLY A 212 20.27 5.61 -1.28
C GLY A 212 19.83 5.97 0.14
N ILE A 213 19.54 7.25 0.41
CA ILE A 213 18.98 7.55 1.71
C ILE A 213 17.45 7.68 1.60
N PHE A 214 16.75 7.05 2.53
CA PHE A 214 15.30 7.16 2.51
C PHE A 214 14.80 8.11 3.59
N THR A 215 13.61 8.69 3.35
CA THR A 215 12.95 9.55 4.32
C THR A 215 11.47 9.39 4.03
N SER A 216 10.66 10.09 4.76
CA SER A 216 9.27 10.01 4.39
C SER A 216 8.98 10.80 3.10
N LYS A 217 9.90 11.68 2.65
CA LYS A 217 9.79 12.28 1.31
C LYS A 217 10.03 11.27 0.21
N THR A 218 10.75 10.18 0.50
CA THR A 218 10.78 9.11 -0.52
C THR A 218 9.37 8.46 -0.60
N ASP A 219 8.69 8.28 0.51
CA ASP A 219 7.26 7.79 0.48
C ASP A 219 6.36 8.83 -0.15
N THR A 220 6.58 10.14 0.06
CA THR A 220 5.80 11.14 -0.75
C THR A 220 5.93 10.94 -2.24
N TRP A 221 7.16 10.74 -2.71
CA TRP A 221 7.38 10.44 -4.11
C TRP A 221 6.56 9.26 -4.54
N SER A 222 6.73 8.13 -3.85
CA SER A 222 5.99 6.91 -4.16
C SER A 222 4.41 7.17 -4.16
N PHE A 223 3.96 7.93 -3.19
CA PHE A 223 2.53 8.24 -3.18
C PHE A 223 2.09 8.98 -4.41
N GLY A 224 2.91 9.90 -4.96
CA GLY A 224 2.58 10.51 -6.23
C GLY A 224 2.41 9.45 -7.34
N VAL A 225 3.28 8.40 -7.37
CA VAL A 225 3.11 7.39 -8.39
C VAL A 225 1.84 6.60 -8.14
N LEU A 226 1.52 6.30 -6.83
CA LEU A 226 0.28 5.61 -6.49
C LEU A 226 -0.92 6.46 -6.95
N LEU A 227 -0.82 7.77 -6.81
CA LEU A 227 -1.92 8.68 -7.30
C LEU A 227 -2.10 8.53 -8.81
N TRP A 228 -1.01 8.40 -9.55
CA TRP A 228 -1.02 8.14 -10.98
C TRP A 228 -1.63 6.79 -11.25
N GLU A 229 -1.24 5.75 -10.49
CA GLU A 229 -1.95 4.47 -10.66
C GLU A 229 -3.48 4.55 -10.43
N ILE A 230 -3.87 5.29 -9.36
CA ILE A 230 -5.26 5.36 -9.03
C ILE A 230 -5.98 6.05 -10.22
N PHE A 231 -5.55 7.27 -10.53
CA PHE A 231 -6.31 8.09 -11.53
C PHE A 231 -6.16 7.59 -12.98
N SER A 232 -5.20 6.72 -13.20
CA SER A 232 -5.12 5.98 -14.53
C SER A 232 -6.03 4.70 -14.50
N LEU A 233 -6.67 4.40 -13.35
CA LEU A 233 -7.43 3.15 -13.21
C LEU A 233 -6.55 1.87 -13.43
N GLY A 234 -5.36 1.88 -12.87
CA GLY A 234 -4.62 0.62 -12.66
C GLY A 234 -3.60 0.36 -13.76
N TYR A 235 -3.25 1.38 -14.55
CA TYR A 235 -2.07 1.21 -15.48
C TYR A 235 -0.72 1.08 -14.79
N MET A 236 0.21 0.37 -15.43
CA MET A 236 1.57 0.37 -14.99
C MET A 236 2.15 1.74 -15.28
N PRO A 237 2.88 2.32 -14.29
CA PRO A 237 3.56 3.61 -14.46
C PRO A 237 4.59 3.53 -15.58
N TYR A 238 4.82 4.70 -16.17
CA TYR A 238 5.81 4.94 -17.27
C TYR A 238 5.54 3.99 -18.39
N PRO A 239 4.36 4.17 -19.07
CA PRO A 239 4.08 3.11 -20.01
C PRO A 239 5.24 3.06 -21.05
N SER A 240 5.69 1.84 -21.31
CA SER A 240 6.72 1.54 -22.28
C SER A 240 8.17 1.66 -21.86
N LYS A 241 8.44 2.07 -20.64
CA LYS A 241 9.82 2.25 -20.24
C LYS A 241 10.18 1.16 -19.26
N SER A 242 11.38 0.65 -19.42
CA SER A 242 11.97 -0.30 -18.49
C SER A 242 12.47 0.38 -17.22
N ASN A 243 12.90 -0.41 -16.24
CA ASN A 243 13.41 0.15 -15.00
C ASN A 243 14.55 1.15 -15.20
N GLN A 244 15.57 0.77 -16.00
CA GLN A 244 16.71 1.67 -16.25
C GLN A 244 16.29 2.91 -17.06
N GLU A 245 15.36 2.72 -17.98
CA GLU A 245 14.85 3.87 -18.77
C GLU A 245 14.14 4.84 -17.85
N VAL A 246 13.36 4.28 -16.91
CA VAL A 246 12.73 5.16 -15.91
C VAL A 246 13.69 5.86 -15.05
N LEU A 247 14.69 5.15 -14.52
CA LEU A 247 15.63 5.77 -13.70
C LEU A 247 16.28 6.95 -14.41
N GLU A 248 16.68 6.74 -15.66
CA GLU A 248 17.46 7.85 -16.34
C GLU A 248 16.51 8.99 -16.64
N PHE A 249 15.28 8.62 -16.96
CA PHE A 249 14.22 9.59 -17.33
C PHE A 249 13.88 10.48 -16.17
N VAL A 250 13.55 9.89 -15.01
CA VAL A 250 13.22 10.74 -13.83
C VAL A 250 14.43 11.56 -13.30
N THR A 251 15.62 10.97 -13.33
CA THR A 251 16.83 11.62 -12.83
C THR A 251 17.06 12.85 -13.73
N SER A 252 16.79 12.73 -15.01
CA SER A 252 16.93 13.90 -15.92
CA SER A 252 16.92 13.89 -15.93
C SER A 252 15.85 14.98 -15.81
N GLY A 253 14.85 14.77 -14.94
CA GLY A 253 13.63 15.68 -14.87
C GLY A 253 12.35 15.24 -15.54
N GLY A 254 12.37 14.06 -16.17
CA GLY A 254 11.24 13.53 -16.89
C GLY A 254 10.12 13.11 -15.93
N ARG A 255 8.86 13.37 -16.30
CA ARG A 255 7.69 12.97 -15.42
C ARG A 255 6.60 12.43 -16.23
N MET A 256 5.78 11.56 -15.65
CA MET A 256 4.61 11.04 -16.36
C MET A 256 3.68 12.17 -16.72
N ASP A 257 3.03 12.04 -17.87
CA ASP A 257 1.90 12.93 -18.26
C ASP A 257 0.68 12.59 -17.36
N PRO A 258 -0.33 13.46 -17.35
CA PRO A 258 -1.47 13.14 -16.50
C PRO A 258 -2.18 11.91 -17.06
N PRO A 259 -2.75 11.07 -16.17
CA PRO A 259 -3.63 10.04 -16.72
C PRO A 259 -4.81 10.59 -17.49
N LYS A 260 -5.36 9.73 -18.34
CA LYS A 260 -6.53 10.12 -19.16
C LYS A 260 -7.68 10.75 -18.35
N ASN A 261 -8.03 11.98 -18.73
CA ASN A 261 -9.11 12.77 -18.08
C ASN A 261 -8.79 13.30 -16.65
N CYS A 262 -7.53 13.16 -16.21
CA CYS A 262 -7.17 13.56 -14.84
C CYS A 262 -7.42 15.06 -14.66
N PRO A 263 -8.20 15.45 -13.66
CA PRO A 263 -8.27 16.87 -13.39
C PRO A 263 -6.90 17.53 -13.09
N GLY A 264 -6.71 18.75 -13.62
CA GLY A 264 -5.46 19.50 -13.32
C GLY A 264 -5.10 19.53 -11.82
N PRO A 265 -6.07 19.78 -10.90
CA PRO A 265 -5.66 19.96 -9.52
C PRO A 265 -5.11 18.64 -8.95
N VAL A 266 -5.64 17.50 -9.44
CA VAL A 266 -5.16 16.17 -8.97
C VAL A 266 -3.78 15.91 -9.55
N TYR A 267 -3.60 16.20 -10.85
CA TYR A 267 -2.25 16.06 -11.46
C TYR A 267 -1.24 16.95 -10.71
N ARG A 268 -1.65 18.19 -10.26
CA ARG A 268 -0.72 19.07 -9.56
C ARG A 268 -0.24 18.46 -8.24
N ILE A 269 -1.06 17.59 -7.65
CA ILE A 269 -0.64 16.87 -6.43
C ILE A 269 0.48 15.89 -6.82
N MET A 270 0.31 15.21 -7.92
CA MET A 270 1.37 14.25 -8.38
C MET A 270 2.67 15.04 -8.58
N THR A 271 2.57 16.10 -9.39
CA THR A 271 3.79 16.80 -9.79
C THR A 271 4.51 17.43 -8.54
N GLN A 272 3.80 17.77 -7.44
CA GLN A 272 4.42 18.28 -6.26
C GLN A 272 5.10 17.14 -5.47
N CYS A 273 4.47 15.95 -5.48
CA CYS A 273 5.10 14.76 -4.85
C CYS A 273 6.37 14.40 -5.64
N TRP A 274 6.46 14.73 -6.91
CA TRP A 274 7.65 14.40 -7.75
C TRP A 274 8.66 15.52 -7.92
N GLN A 275 8.66 16.50 -7.02
CA GLN A 275 9.70 17.53 -7.07
C GLN A 275 11.09 16.83 -6.85
N HIS A 276 12.03 17.22 -7.68
CA HIS A 276 13.34 16.64 -7.60
C HIS A 276 13.92 16.73 -6.24
N GLN A 277 13.87 17.91 -5.62
CA GLN A 277 14.38 18.06 -4.29
C GLN A 277 13.40 17.57 -3.21
N PRO A 278 13.86 16.72 -2.25
CA PRO A 278 12.87 16.20 -1.29
C PRO A 278 12.23 17.27 -0.46
N GLU A 279 12.98 18.34 -0.07
CA GLU A 279 12.37 19.40 0.75
CA GLU A 279 12.26 19.29 0.77
C GLU A 279 11.29 20.13 0.00
N ASP A 280 11.31 20.04 -1.31
CA ASP A 280 10.25 20.72 -2.07
C ASP A 280 8.97 19.87 -2.19
N ARG A 281 9.03 18.59 -1.78
CA ARG A 281 7.80 17.74 -1.86
C ARG A 281 6.96 17.95 -0.59
N PRO A 282 5.62 17.81 -0.70
CA PRO A 282 4.81 17.97 0.51
C PRO A 282 4.93 16.78 1.49
N ASN A 283 4.70 17.06 2.77
CA ASN A 283 4.51 16.00 3.76
C ASN A 283 3.05 15.44 3.63
N PHE A 284 2.74 14.37 4.33
CA PHE A 284 1.40 13.83 4.09
C PHE A 284 0.23 14.66 4.63
N ALA A 285 0.49 15.48 5.65
CA ALA A 285 -0.55 16.41 6.12
C ALA A 285 -0.94 17.36 4.99
N ILE A 286 0.04 17.90 4.26
CA ILE A 286 -0.22 18.78 3.13
C ILE A 286 -0.87 17.99 2.00
N ILE A 287 -0.36 16.77 1.73
CA ILE A 287 -1.03 15.98 0.70
C ILE A 287 -2.50 15.78 1.04
N LEU A 288 -2.78 15.41 2.27
CA LEU A 288 -4.21 15.32 2.66
C LEU A 288 -5.05 16.58 2.45
N GLU A 289 -4.51 17.74 2.85
CA GLU A 289 -5.22 18.99 2.62
C GLU A 289 -5.52 19.15 1.17
N ARG A 290 -4.56 18.81 0.31
CA ARG A 290 -4.75 19.06 -1.05
C ARG A 290 -5.80 18.05 -1.64
N ILE A 291 -5.73 16.80 -1.19
CA ILE A 291 -6.78 15.82 -1.63
C ILE A 291 -8.20 16.28 -1.18
N GLU A 292 -8.31 16.69 0.06
CA GLU A 292 -9.59 17.33 0.59
C GLU A 292 -10.09 18.48 -0.26
N TYR A 293 -9.24 19.42 -0.62
CA TYR A 293 -9.60 20.46 -1.54
C TYR A 293 -10.13 19.96 -2.89
N CYS A 294 -9.39 19.03 -3.52
CA CYS A 294 -9.84 18.48 -4.78
C CYS A 294 -11.22 17.89 -4.56
N THR A 295 -11.45 17.27 -3.40
CA THR A 295 -12.66 16.48 -3.17
C THR A 295 -13.85 17.47 -3.09
N GLN A 296 -13.59 18.71 -2.69
CA GLN A 296 -14.70 19.71 -2.50
C GLN A 296 -15.00 20.50 -3.78
N ASP A 297 -14.07 20.49 -4.75
CA ASP A 297 -14.12 21.24 -6.01
C ASP A 297 -15.07 20.54 -7.00
N PRO A 298 -16.25 21.17 -7.27
CA PRO A 298 -17.18 20.49 -8.18
C PRO A 298 -16.63 20.19 -9.54
N ASP A 299 -15.74 21.04 -10.09
CA ASP A 299 -15.19 20.80 -11.41
C ASP A 299 -14.28 19.54 -11.44
N VAL A 300 -13.66 19.24 -10.30
CA VAL A 300 -12.87 18.02 -10.26
C VAL A 300 -13.81 16.81 -10.20
N ILE A 301 -14.74 16.85 -9.25
CA ILE A 301 -15.56 15.62 -8.94
C ILE A 301 -16.62 15.38 -10.00
N ASN A 302 -16.94 16.43 -10.78
CA ASN A 302 -17.88 16.23 -11.92
C ASN A 302 -17.18 15.82 -13.22
N THR A 303 -15.86 15.56 -13.18
CA THR A 303 -15.17 15.19 -14.37
C THR A 303 -15.38 13.72 -14.68
N ALA A 304 -15.81 13.42 -15.90
CA ALA A 304 -16.05 11.98 -16.21
C ALA A 304 -14.75 11.20 -16.45
N LEU A 305 -14.69 9.99 -15.83
CA LEU A 305 -13.62 9.02 -16.12
C LEU A 305 -13.79 8.49 -17.58
N PRO A 306 -12.68 8.10 -18.22
CA PRO A 306 -12.76 7.51 -19.59
C PRO A 306 -13.48 6.17 -19.63
N ILE A 307 -14.18 5.93 -20.75
CA ILE A 307 -14.82 4.63 -20.95
C ILE A 307 -13.84 3.75 -21.70
N GLU A 308 -13.57 2.55 -21.17
CA GLU A 308 -12.68 1.63 -21.82
C GLU A 308 -13.55 0.77 -22.72
N TYR A 309 -13.29 0.83 -24.01
CA TYR A 309 -14.29 0.37 -24.91
C TYR A 309 -14.10 -1.12 -25.17
#